data_3NHO
#
_entry.id   3NHO
#
_cell.length_a   164.723
_cell.length_b   164.723
_cell.length_c   164.723
_cell.angle_alpha   90.00
_cell.angle_beta   90.00
_cell.angle_gamma   90.00
#
_symmetry.space_group_name_H-M   'P 4 3 2'
#
loop_
_entity.id
_entity.type
_entity.pdbx_description
1 polymer '6-hydroxy-L-nicotine oxidase'
2 non-polymer 1-(6-hydroxypyridin-3-yl)-4-(methylamino)butan-1-one
3 non-polymer 'FLAVIN-ADENINE DINUCLEOTIDE'
4 non-polymer '(1R)-2-{[(S)-(2-aminoethoxy)(hydroxy)phosphoryl]oxy}-1-[(pentadecanoyloxy)methyl]ethyl (12E)-hexadeca-9,12-dienoate'
5 water water
#
_entity_poly.entity_id   1
_entity_poly.type   'polypeptide(L)'
_entity_poly.pdbx_seq_one_letter_code
;MYDAIVVGGGFSGLKAARDLTNAGKKVLLLEGGERLGGRAYSRESRNVPGLRVEIGGAYLHRKHHPRLAAELDRYGIPTA
AASEFTSFRHRLGPTAVDQAFPIPGSEAVAVEAATYTLLRDAHRIDLEKGLENQDLEDLDIPLNEYVDKLDLPPVSRQFL
LAWAWNMLGQPADQASALWMLQLVAAHHYSILGVVLSLDEVFSNGSADLVDAMSQEIPEIRLQTVVTGIDQSGDVVNVTV
KDGHAFQAHSVIVATPMNTWRRIVFTPALPERRRSVIEEGHGGQGLKILIHVRGAEAGIECVGDGIFPTLYDYCEVSESE
RLLVAFTDSGSFDPTDIGAVKDAVLYYLPEVEVLGIDYHDWIADPLFEGPWVAPRVGQFSRVHKELGEPAGRIHFVGSDV
SLEFPGYIEGALETAECAVNAILHSHHHHHH
;
_entity_poly.pdbx_strand_id   X
#
# COMPACT_ATOMS: atom_id res chain seq x y z
N MET A 1 20.83 -4.91 27.76
CA MET A 1 19.49 -4.78 27.22
C MET A 1 19.39 -5.47 25.87
N TYR A 2 18.95 -4.73 24.85
CA TYR A 2 18.74 -5.29 23.53
C TYR A 2 19.67 -4.67 22.53
N ASP A 3 20.08 -5.44 21.53
CA ASP A 3 20.83 -4.91 20.42
C ASP A 3 19.93 -4.06 19.56
N ALA A 4 18.72 -4.55 19.33
CA ALA A 4 17.71 -3.77 18.63
C ALA A 4 16.35 -3.88 19.26
N ILE A 5 15.62 -2.78 19.20
CA ILE A 5 14.17 -2.82 19.29
C ILE A 5 13.54 -2.49 17.96
N VAL A 6 12.65 -3.35 17.51
CA VAL A 6 11.84 -3.05 16.35
C VAL A 6 10.46 -2.55 16.74
N VAL A 7 10.14 -1.35 16.29
CA VAL A 7 8.83 -0.79 16.54
C VAL A 7 7.91 -1.00 15.36
N GLY A 8 6.97 -1.93 15.51
CA GLY A 8 5.91 -2.10 14.55
C GLY A 8 5.89 -3.49 13.99
N GLY A 9 4.74 -4.13 14.00
CA GLY A 9 4.69 -5.58 13.78
C GLY A 9 4.11 -6.00 12.45
N GLY A 10 4.17 -5.10 11.46
CA GLY A 10 3.89 -5.48 10.08
C GLY A 10 5.06 -6.20 9.40
N PHE A 11 4.88 -6.56 8.14
CA PHE A 11 5.91 -7.28 7.40
C PHE A 11 7.31 -6.68 7.43
N SER A 12 7.39 -5.35 7.43
CA SER A 12 8.65 -4.70 7.46
C SER A 12 9.28 -5.13 8.76
N GLY A 13 8.60 -4.80 9.86
CA GLY A 13 9.09 -5.07 11.21
C GLY A 13 9.35 -6.53 11.44
N LEU A 14 8.45 -7.37 10.95
CA LEU A 14 8.60 -8.79 11.15
C LEU A 14 9.88 -9.32 10.52
N LYS A 15 10.23 -8.88 9.30
CA LYS A 15 11.41 -9.40 8.63
C LYS A 15 12.64 -8.96 9.37
N ALA A 16 12.73 -7.67 9.67
CA ALA A 16 13.86 -7.12 10.44
C ALA A 16 14.13 -7.95 11.70
N ALA A 17 13.13 -7.98 12.57
CA ALA A 17 13.20 -8.67 13.84
C ALA A 17 13.68 -10.11 13.68
N ARG A 18 13.22 -10.79 12.65
CA ARG A 18 13.62 -12.15 12.44
C ARG A 18 15.05 -12.20 11.92
N ASP A 19 15.46 -11.18 11.21
CA ASP A 19 16.71 -11.31 10.51
C ASP A 19 17.85 -11.08 11.46
N LEU A 20 17.82 -9.94 12.16
CA LEU A 20 18.71 -9.67 13.30
C LEU A 20 18.81 -10.82 14.32
N THR A 21 17.67 -11.39 14.67
CA THR A 21 17.68 -12.56 15.54
C THR A 21 18.54 -13.68 14.95
N ASN A 22 18.36 -13.95 13.67
CA ASN A 22 19.07 -15.05 13.08
C ASN A 22 20.54 -14.70 12.96
N ALA A 23 20.82 -13.41 12.80
CA ALA A 23 22.16 -12.88 12.94
C ALA A 23 22.73 -13.13 14.35
N GLY A 24 21.88 -13.49 15.32
CA GLY A 24 22.30 -13.78 16.69
C GLY A 24 22.14 -12.60 17.66
N LYS A 25 21.61 -11.48 17.19
CA LYS A 25 21.36 -10.33 18.07
C LYS A 25 20.21 -10.56 19.06
N LYS A 26 20.08 -9.62 19.99
CA LYS A 26 19.04 -9.65 21.00
C LYS A 26 18.05 -8.54 20.67
N VAL A 27 16.83 -8.98 20.34
CA VAL A 27 15.85 -8.16 19.61
C VAL A 27 14.53 -8.22 20.31
N LEU A 28 13.91 -7.07 20.44
CA LEU A 28 12.56 -7.02 20.92
C LEU A 28 11.63 -6.46 19.84
N LEU A 29 10.48 -7.10 19.66
CA LEU A 29 9.50 -6.52 18.76
C LEU A 29 8.36 -5.93 19.55
N LEU A 30 8.14 -4.63 19.33
CA LEU A 30 7.04 -3.93 19.94
C LEU A 30 5.93 -3.56 18.95
N GLU A 31 4.74 -4.12 19.18
CA GLU A 31 3.57 -3.96 18.33
C GLU A 31 2.43 -3.26 19.06
N GLY A 32 2.12 -2.06 18.62
CA GLY A 32 1.00 -1.28 19.16
C GLY A 32 -0.35 -1.99 19.24
N GLY A 33 -0.66 -2.92 18.34
CA GLY A 33 -2.01 -3.42 18.21
C GLY A 33 -2.13 -4.80 18.76
N GLU A 34 -3.25 -5.47 18.46
CA GLU A 34 -3.59 -6.79 19.05
C GLU A 34 -3.29 -7.99 18.14
N ARG A 35 -2.61 -7.74 17.02
CA ARG A 35 -2.26 -8.80 16.08
C ARG A 35 -1.00 -8.37 15.37
N LEU A 36 -0.38 -9.30 14.69
CA LEU A 36 0.71 -8.99 13.81
C LEU A 36 0.24 -8.91 12.37
N GLY A 37 0.93 -8.12 11.54
CA GLY A 37 0.59 -7.99 10.11
C GLY A 37 0.42 -6.58 9.59
N GLY A 38 -0.03 -5.68 10.45
CA GLY A 38 -0.35 -4.30 10.07
C GLY A 38 -1.36 -4.27 8.93
N ARG A 39 -0.95 -3.66 7.84
CA ARG A 39 -1.79 -3.45 6.69
C ARG A 39 -1.94 -4.68 5.81
N ALA A 40 -1.37 -5.79 6.24
CA ALA A 40 -1.73 -7.09 5.66
C ALA A 40 -2.57 -7.86 6.69
N TYR A 41 -3.86 -8.01 6.41
CA TYR A 41 -4.81 -8.36 7.43
C TYR A 41 -5.90 -9.23 6.91
N SER A 42 -5.76 -10.55 7.11
CA SER A 42 -6.87 -11.49 6.83
C SER A 42 -7.65 -11.71 8.08
N ARG A 43 -8.96 -11.79 7.98
CA ARG A 43 -9.77 -12.13 9.11
C ARG A 43 -10.93 -12.90 8.58
N GLU A 44 -11.86 -13.27 9.46
CA GLU A 44 -13.10 -13.85 8.99
C GLU A 44 -13.95 -12.68 8.54
N SER A 45 -14.79 -12.94 7.53
CA SER A 45 -15.64 -11.98 6.86
C SER A 45 -16.80 -11.45 7.73
N ARG A 46 -16.98 -10.13 7.82
CA ARG A 46 -18.14 -9.58 8.53
C ARG A 46 -19.45 -10.02 7.87
N ASN A 47 -19.41 -10.39 6.61
CA ASN A 47 -20.65 -10.65 5.91
C ASN A 47 -20.98 -12.12 5.83
N VAL A 48 -19.94 -12.94 5.68
CA VAL A 48 -20.10 -14.39 5.46
C VAL A 48 -19.39 -15.22 6.53
N PRO A 49 -20.15 -15.86 7.43
CA PRO A 49 -19.52 -16.70 8.45
C PRO A 49 -18.72 -17.79 7.78
N GLY A 50 -17.51 -18.01 8.28
CA GLY A 50 -16.66 -19.08 7.77
C GLY A 50 -15.75 -18.72 6.62
N LEU A 51 -15.86 -17.48 6.13
CA LEU A 51 -15.06 -17.05 4.99
C LEU A 51 -13.96 -16.11 5.40
N ARG A 52 -12.77 -16.45 4.96
CA ARG A 52 -11.59 -15.68 5.30
C ARG A 52 -11.31 -14.66 4.20
N VAL A 53 -11.06 -13.41 4.58
CA VAL A 53 -10.89 -12.34 3.59
C VAL A 53 -9.71 -11.39 3.87
N GLU A 54 -9.13 -10.81 2.84
CA GLU A 54 -8.11 -9.81 3.01
C GLU A 54 -8.69 -8.41 3.00
N ILE A 55 -8.49 -7.72 4.12
CA ILE A 55 -9.04 -6.41 4.34
C ILE A 55 -8.00 -5.35 4.10
N GLY A 56 -6.77 -5.83 3.89
CA GLY A 56 -5.66 -4.98 3.48
C GLY A 56 -4.96 -5.49 2.24
N GLY A 57 -3.63 -5.56 2.29
CA GLY A 57 -2.78 -6.03 1.21
C GLY A 57 -3.02 -7.47 0.82
N ALA A 58 -3.18 -7.72 -0.46
CA ALA A 58 -3.65 -9.02 -0.90
C ALA A 58 -2.80 -9.59 -2.02
N TYR A 59 -2.43 -8.74 -2.97
CA TYR A 59 -2.02 -9.22 -4.28
C TYR A 59 -0.51 -9.14 -4.43
N LEU A 60 0.07 -10.18 -4.98
CA LEU A 60 1.51 -10.20 -5.17
C LEU A 60 1.83 -10.68 -6.56
N HIS A 61 3.07 -10.44 -6.99
CA HIS A 61 3.53 -10.99 -8.24
C HIS A 61 4.96 -11.41 -8.12
N ARG A 62 5.22 -12.67 -8.38
CA ARG A 62 6.48 -13.26 -7.98
C ARG A 62 7.63 -12.79 -8.85
N LYS A 63 7.39 -12.56 -10.13
CA LYS A 63 8.50 -12.05 -10.96
C LYS A 63 8.88 -10.62 -10.58
N HIS A 64 7.94 -9.88 -10.02
CA HIS A 64 8.16 -8.47 -9.71
C HIS A 64 8.66 -8.36 -8.26
N HIS A 65 8.58 -9.44 -7.49
CA HIS A 65 8.85 -9.38 -6.05
C HIS A 65 9.62 -10.60 -5.60
N PRO A 66 10.94 -10.58 -5.85
CA PRO A 66 11.85 -11.67 -5.46
C PRO A 66 11.93 -11.83 -3.95
N ARG A 67 11.86 -10.72 -3.23
CA ARG A 67 11.90 -10.83 -1.79
C ARG A 67 10.67 -11.48 -1.26
N LEU A 68 9.53 -11.22 -1.86
CA LEU A 68 8.36 -11.91 -1.40
C LEU A 68 8.35 -13.36 -1.84
N ALA A 69 8.81 -13.63 -3.06
CA ALA A 69 8.77 -14.99 -3.55
C ALA A 69 9.52 -15.90 -2.60
N ALA A 70 10.74 -15.54 -2.19
CA ALA A 70 11.56 -16.40 -1.33
C ALA A 70 10.95 -16.69 0.05
N GLU A 71 10.29 -15.68 0.67
CA GLU A 71 9.50 -15.90 1.90
C GLU A 71 8.47 -16.97 1.66
N LEU A 72 7.69 -16.84 0.60
CA LEU A 72 6.70 -17.85 0.30
C LEU A 72 7.34 -19.20 0.11
N ASP A 73 8.48 -19.22 -0.59
CA ASP A 73 9.23 -20.47 -0.80
C ASP A 73 9.87 -21.00 0.49
N ARG A 74 10.46 -20.11 1.27
CA ARG A 74 11.07 -20.48 2.53
C ARG A 74 10.09 -21.26 3.44
N TYR A 75 8.82 -20.89 3.44
CA TYR A 75 7.92 -21.52 4.42
C TYR A 75 6.85 -22.40 3.81
N GLY A 76 6.95 -22.66 2.50
CA GLY A 76 5.96 -23.41 1.73
C GLY A 76 4.55 -22.84 1.75
N ILE A 77 4.46 -21.51 1.71
CA ILE A 77 3.16 -20.84 1.75
C ILE A 77 2.55 -20.96 0.38
N PRO A 78 1.36 -21.58 0.29
CA PRO A 78 0.81 -21.75 -1.05
C PRO A 78 0.14 -20.47 -1.55
N THR A 79 0.44 -20.11 -2.78
CA THR A 79 -0.33 -19.07 -3.42
C THR A 79 -1.35 -19.67 -4.41
N ALA A 80 -2.18 -18.82 -4.96
CA ALA A 80 -3.18 -19.22 -5.92
C ALA A 80 -3.20 -18.11 -6.94
N ALA A 81 -3.34 -18.46 -8.21
CA ALA A 81 -3.57 -17.45 -9.25
C ALA A 81 -4.83 -16.61 -8.98
N ALA A 82 -4.70 -15.28 -8.89
CA ALA A 82 -5.83 -14.38 -8.59
C ALA A 82 -6.90 -14.49 -9.65
N SER A 83 -8.12 -14.08 -9.30
CA SER A 83 -9.37 -14.22 -10.15
C SER A 83 -9.21 -13.90 -11.68
N GLU A 84 -9.29 -14.90 -12.58
CA GLU A 84 -9.28 -14.57 -14.04
C GLU A 84 -10.62 -13.91 -14.43
N PHE A 85 -10.56 -12.80 -15.18
CA PHE A 85 -11.76 -12.01 -15.49
C PHE A 85 -12.30 -12.39 -16.83
N THR A 86 -13.58 -12.72 -16.89
CA THR A 86 -14.16 -13.31 -18.09
C THR A 86 -15.37 -12.55 -18.59
N SER A 87 -15.72 -11.46 -17.93
CA SER A 87 -16.98 -10.83 -18.17
C SER A 87 -16.88 -9.36 -17.82
N PHE A 88 -17.27 -8.50 -18.74
CA PHE A 88 -16.81 -7.12 -18.74
C PHE A 88 -17.94 -6.14 -18.90
N ARG A 89 -18.09 -5.27 -17.91
CA ARG A 89 -19.21 -4.37 -17.84
C ARG A 89 -18.74 -2.96 -17.59
N HIS A 90 -17.99 -2.39 -18.52
CA HIS A 90 -17.32 -1.12 -18.29
C HIS A 90 -18.30 0.05 -18.38
N ARG A 91 -17.92 1.18 -17.80
CA ARG A 91 -18.63 2.43 -18.02
C ARG A 91 -17.74 3.45 -18.72
N LEU A 92 -17.46 3.20 -19.99
CA LEU A 92 -16.38 3.90 -20.68
C LEU A 92 -16.88 4.55 -21.97
N GLY A 93 -18.19 4.49 -22.18
CA GLY A 93 -18.82 5.19 -23.30
C GLY A 93 -19.11 4.20 -24.39
N PRO A 94 -19.87 4.63 -25.40
CA PRO A 94 -20.46 3.62 -26.29
C PRO A 94 -19.45 3.02 -27.24
N THR A 95 -18.27 3.65 -27.39
CA THR A 95 -17.22 3.11 -28.28
C THR A 95 -16.23 2.14 -27.63
N ALA A 96 -16.23 2.04 -26.31
CA ALA A 96 -15.41 1.06 -25.60
C ALA A 96 -15.86 -0.32 -26.03
N VAL A 97 -14.98 -1.28 -25.88
CA VAL A 97 -15.30 -2.64 -26.19
C VAL A 97 -15.17 -3.47 -24.92
N ASP A 98 -16.09 -4.40 -24.74
CA ASP A 98 -16.08 -5.24 -23.55
C ASP A 98 -15.06 -6.34 -23.61
N GLN A 99 -13.82 -5.94 -23.40
CA GLN A 99 -12.67 -6.81 -23.24
C GLN A 99 -11.94 -6.26 -22.02
N ALA A 100 -10.88 -6.96 -21.59
CA ALA A 100 -10.09 -6.48 -20.46
C ALA A 100 -9.39 -5.20 -20.83
N PHE A 101 -9.02 -5.10 -22.09
CA PHE A 101 -8.39 -3.92 -22.63
C PHE A 101 -9.39 -3.35 -23.59
N PRO A 102 -10.16 -2.35 -23.16
CA PRO A 102 -11.36 -1.99 -23.86
C PRO A 102 -11.18 -0.84 -24.86
N ILE A 103 -9.94 -0.55 -25.27
CA ILE A 103 -9.68 0.56 -26.21
C ILE A 103 -10.04 0.19 -27.66
N PRO A 104 -10.86 1.03 -28.34
CA PRO A 104 -11.11 0.80 -29.76
C PRO A 104 -9.98 1.29 -30.67
N GLY A 105 -9.78 0.61 -31.79
CA GLY A 105 -8.71 0.94 -32.70
C GLY A 105 -8.77 2.37 -33.18
N SER A 106 -9.99 2.89 -33.33
CA SER A 106 -10.20 4.30 -33.62
C SER A 106 -9.39 5.19 -32.68
N GLU A 107 -8.79 4.57 -31.67
CA GLU A 107 -8.14 5.32 -30.60
C GLU A 107 -6.66 4.95 -30.49
N ALA A 108 -6.21 4.08 -31.39
CA ALA A 108 -5.00 3.32 -31.16
C ALA A 108 -3.79 4.19 -31.37
N VAL A 109 -3.83 5.02 -32.38
CA VAL A 109 -2.73 5.89 -32.68
C VAL A 109 -2.46 6.81 -31.51
N ALA A 110 -3.52 7.27 -30.87
CA ALA A 110 -3.40 8.19 -29.75
C ALA A 110 -2.80 7.52 -28.55
N VAL A 111 -3.25 6.31 -28.27
CA VAL A 111 -2.66 5.50 -27.23
C VAL A 111 -1.18 5.26 -27.45
N GLU A 112 -0.82 4.97 -28.68
CA GLU A 112 0.57 4.70 -29.01
C GLU A 112 1.41 5.94 -28.81
N ALA A 113 0.88 7.09 -29.21
CA ALA A 113 1.57 8.35 -28.89
C ALA A 113 1.70 8.58 -27.38
N ALA A 114 0.57 8.45 -26.66
CA ALA A 114 0.58 8.80 -25.25
C ALA A 114 1.44 7.85 -24.43
N THR A 115 1.40 6.56 -24.80
CA THR A 115 2.24 5.58 -24.19
C THR A 115 3.70 6.02 -24.30
N TYR A 116 4.11 6.51 -25.47
CA TYR A 116 5.48 6.97 -25.67
C TYR A 116 5.82 8.13 -24.75
N THR A 117 5.09 9.23 -24.81
CA THR A 117 5.27 10.32 -23.83
C THR A 117 5.24 9.87 -22.36
N LEU A 118 4.34 8.97 -22.03
CA LEU A 118 4.23 8.54 -20.66
C LEU A 118 5.50 7.89 -20.20
N LEU A 119 6.01 6.97 -21.03
CA LEU A 119 7.23 6.23 -20.74
C LEU A 119 8.50 7.04 -20.90
N ARG A 120 8.45 8.04 -21.76
CA ARG A 120 9.59 8.91 -21.89
C ARG A 120 9.82 9.63 -20.57
N ASP A 121 8.73 10.16 -19.97
CA ASP A 121 8.82 10.84 -18.68
C ASP A 121 9.21 9.86 -17.57
N ALA A 122 8.59 8.71 -17.54
CA ALA A 122 8.98 7.76 -16.57
C ALA A 122 10.48 7.41 -16.66
N HIS A 123 11.10 7.54 -17.84
CA HIS A 123 12.51 7.13 -17.98
C HIS A 123 13.48 8.12 -17.41
N ARG A 124 13.00 9.35 -17.17
CA ARG A 124 13.73 10.35 -16.38
C ARG A 124 14.05 9.89 -14.95
N ILE A 125 13.25 9.00 -14.39
CA ILE A 125 13.38 8.65 -13.00
C ILE A 125 14.43 7.58 -12.86
N ASP A 126 15.39 7.85 -11.97
CA ASP A 126 16.35 6.86 -11.56
C ASP A 126 15.93 6.41 -10.19
N LEU A 127 15.69 5.12 -10.04
CA LEU A 127 15.05 4.60 -8.84
C LEU A 127 15.80 4.74 -7.52
N GLU A 128 17.13 4.58 -7.56
CA GLU A 128 17.95 4.61 -6.33
C GLU A 128 18.13 6.03 -5.78
N LYS A 129 18.01 7.04 -6.64
CA LYS A 129 18.36 8.41 -6.26
C LYS A 129 17.40 9.17 -5.35
N GLY A 130 16.13 8.79 -5.33
CA GLY A 130 15.10 9.57 -4.63
C GLY A 130 14.47 10.68 -5.45
N LEU A 131 13.16 10.78 -5.36
CA LEU A 131 12.39 11.70 -6.17
C LEU A 131 12.70 13.17 -5.98
N GLU A 132 13.37 13.50 -4.87
CA GLU A 132 13.63 14.89 -4.53
C GLU A 132 14.96 15.37 -5.11
N ASN A 133 15.76 14.42 -5.59
CA ASN A 133 17.11 14.68 -6.06
C ASN A 133 17.33 14.64 -7.58
N GLN A 134 16.31 14.88 -8.40
CA GLN A 134 16.52 14.66 -9.83
C GLN A 134 16.00 15.74 -10.78
N ASP A 135 15.57 16.89 -10.27
CA ASP A 135 14.93 17.94 -11.12
C ASP A 135 13.72 17.39 -11.80
N LEU A 136 12.74 17.02 -11.00
CA LEU A 136 11.49 16.46 -11.51
C LEU A 136 10.31 17.37 -11.19
N GLU A 137 10.60 18.55 -10.63
CA GLU A 137 9.60 19.49 -10.11
C GLU A 137 8.55 19.81 -11.16
N ASP A 138 8.94 19.84 -12.43
CA ASP A 138 7.96 20.06 -13.51
C ASP A 138 6.89 18.96 -13.59
N LEU A 139 7.22 17.73 -13.18
CA LEU A 139 6.26 16.62 -13.17
C LEU A 139 5.45 16.46 -11.88
N ASP A 140 5.85 17.15 -10.83
CA ASP A 140 5.09 17.04 -9.60
C ASP A 140 3.92 17.99 -9.64
N ILE A 141 3.05 17.77 -10.60
CA ILE A 141 1.83 18.52 -10.70
C ILE A 141 0.67 17.55 -10.61
N PRO A 142 -0.54 18.08 -10.62
CA PRO A 142 -1.71 17.23 -10.46
C PRO A 142 -1.85 16.29 -11.63
N LEU A 143 -2.41 15.12 -11.39
CA LEU A 143 -2.49 14.11 -12.42
C LEU A 143 -3.45 14.54 -13.49
N ASN A 144 -4.50 15.25 -13.11
CA ASN A 144 -5.47 15.63 -14.11
C ASN A 144 -4.89 16.65 -15.08
N GLU A 145 -4.13 17.62 -14.58
CA GLU A 145 -3.45 18.55 -15.45
C GLU A 145 -2.45 17.86 -16.38
N TYR A 146 -1.76 16.84 -15.88
CA TYR A 146 -0.80 16.13 -16.69
C TYR A 146 -1.47 15.32 -17.80
N VAL A 147 -2.54 14.65 -17.46
CA VAL A 147 -3.23 13.79 -18.40
C VAL A 147 -4.01 14.61 -19.39
N ASP A 148 -3.96 15.92 -19.24
CA ASP A 148 -4.60 16.81 -20.19
C ASP A 148 -3.67 17.09 -21.35
N LYS A 149 -2.38 16.90 -21.11
CA LYS A 149 -1.37 17.24 -22.08
C LYS A 149 -1.05 16.03 -22.92
N LEU A 150 -1.73 14.93 -22.64
CA LEU A 150 -1.54 13.72 -23.40
C LEU A 150 -2.55 13.68 -24.53
N ASP A 151 -3.47 14.58 -24.50
CA ASP A 151 -4.51 14.71 -25.51
C ASP A 151 -5.19 13.37 -25.76
N LEU A 152 -5.71 12.76 -24.75
CA LEU A 152 -6.28 11.42 -24.87
C LEU A 152 -7.75 11.48 -25.19
N PRO A 153 -8.24 10.48 -25.90
CA PRO A 153 -9.65 10.39 -26.22
C PRO A 153 -10.41 9.65 -25.15
N PRO A 154 -11.72 9.60 -25.30
CA PRO A 154 -12.58 9.28 -24.18
C PRO A 154 -12.26 7.94 -23.60
N VAL A 155 -12.30 6.88 -24.39
CA VAL A 155 -12.20 5.60 -23.74
C VAL A 155 -10.85 5.49 -23.02
N SER A 156 -9.76 5.73 -23.74
CA SER A 156 -8.46 5.50 -23.16
C SER A 156 -8.15 6.49 -22.06
N ARG A 157 -8.55 7.73 -22.24
CA ARG A 157 -8.33 8.71 -21.20
C ARG A 157 -9.05 8.30 -19.92
N GLN A 158 -10.32 7.95 -20.01
CA GLN A 158 -11.05 7.60 -18.83
C GLN A 158 -10.57 6.29 -18.25
N PHE A 159 -10.18 5.35 -19.10
CA PHE A 159 -9.60 4.09 -18.64
C PHE A 159 -8.33 4.35 -17.82
N LEU A 160 -7.45 5.22 -18.35
CA LEU A 160 -6.24 5.58 -17.66
C LEU A 160 -6.56 6.14 -16.28
N LEU A 161 -7.47 7.10 -16.23
CA LEU A 161 -7.83 7.76 -14.98
C LEU A 161 -8.41 6.81 -13.95
N ALA A 162 -9.21 5.85 -14.39
CA ALA A 162 -9.86 4.95 -13.49
C ALA A 162 -8.80 4.10 -12.81
N TRP A 163 -7.87 3.56 -13.58
CA TRP A 163 -6.89 2.71 -12.93
C TRP A 163 -5.96 3.53 -12.04
N ALA A 164 -5.67 4.77 -12.42
CA ALA A 164 -4.79 5.58 -11.59
C ALA A 164 -5.42 5.87 -10.24
N TRP A 165 -6.70 6.15 -10.25
CA TRP A 165 -7.45 6.43 -9.06
C TRP A 165 -7.44 5.20 -8.12
N ASN A 166 -7.75 4.06 -8.70
CA ASN A 166 -7.70 2.84 -7.99
C ASN A 166 -6.31 2.66 -7.37
N MET A 167 -5.26 2.75 -8.18
CA MET A 167 -3.92 2.50 -7.70
C MET A 167 -3.44 3.49 -6.68
N LEU A 168 -3.62 4.77 -6.94
CA LEU A 168 -3.07 5.77 -6.05
C LEU A 168 -3.97 5.99 -4.87
N GLY A 169 -5.25 5.67 -5.03
CA GLY A 169 -6.21 5.93 -3.99
C GLY A 169 -6.34 7.41 -3.75
N GLN A 170 -6.43 8.17 -4.83
CA GLN A 170 -6.62 9.62 -4.82
C GLN A 170 -7.35 10.04 -6.08
N PRO A 171 -8.22 11.04 -5.99
CA PRO A 171 -8.86 11.55 -7.19
C PRO A 171 -7.84 12.29 -8.05
N ALA A 172 -8.13 12.42 -9.33
CA ALA A 172 -7.10 12.86 -10.27
C ALA A 172 -6.58 14.24 -9.93
N ASP A 173 -7.42 15.05 -9.30
CA ASP A 173 -7.01 16.42 -8.98
C ASP A 173 -6.06 16.54 -7.77
N GLN A 174 -5.83 15.43 -7.08
CA GLN A 174 -5.04 15.46 -5.87
C GLN A 174 -3.80 14.61 -5.99
N ALA A 175 -3.78 13.74 -7.01
CA ALA A 175 -2.69 12.78 -7.18
C ALA A 175 -1.54 13.46 -7.91
N SER A 176 -0.31 13.16 -7.51
CA SER A 176 0.80 13.74 -8.24
C SER A 176 1.11 12.91 -9.49
N ALA A 177 1.30 13.59 -10.62
CA ALA A 177 1.77 12.93 -11.84
C ALA A 177 3.11 12.23 -11.63
N LEU A 178 4.04 12.95 -11.00
CA LEU A 178 5.31 12.35 -10.67
C LEU A 178 5.13 11.00 -9.95
N TRP A 179 4.15 10.91 -9.06
CA TRP A 179 4.03 9.67 -8.36
C TRP A 179 3.48 8.52 -9.25
N MET A 180 2.55 8.83 -10.14
N MET A 180 2.55 8.85 -10.13
CA MET A 180 2.13 7.83 -11.11
CA MET A 180 2.10 7.90 -11.12
C MET A 180 3.34 7.39 -11.93
C MET A 180 3.30 7.42 -11.94
N LEU A 181 4.19 8.34 -12.34
CA LEU A 181 5.40 7.97 -13.11
C LEU A 181 6.32 7.10 -12.33
N GLN A 182 6.40 7.35 -11.04
CA GLN A 182 7.18 6.52 -10.11
C GLN A 182 6.72 5.06 -10.08
N LEU A 183 5.40 4.85 -10.05
CA LEU A 183 4.90 3.50 -10.09
C LEU A 183 5.17 2.85 -11.42
N VAL A 184 5.13 3.63 -12.48
CA VAL A 184 5.53 3.10 -13.79
C VAL A 184 7.00 2.65 -13.78
N ALA A 185 7.92 3.50 -13.33
CA ALA A 185 9.34 3.08 -13.25
C ALA A 185 9.55 1.86 -12.33
N ALA A 186 8.83 1.84 -11.22
CA ALA A 186 9.03 0.79 -10.25
C ALA A 186 8.81 -0.55 -10.89
N HIS A 187 8.21 -0.55 -12.07
CA HIS A 187 7.69 -1.78 -12.64
C HIS A 187 8.47 -2.12 -13.88
N HIS A 188 9.74 -1.81 -13.87
CA HIS A 188 10.53 -1.84 -15.08
C HIS A 188 9.89 -1.03 -16.17
N TYR A 189 9.64 0.24 -15.90
CA TYR A 189 9.22 1.13 -16.97
C TYR A 189 8.07 0.51 -17.84
N SER A 190 7.04 0.08 -17.13
CA SER A 190 5.83 -0.47 -17.70
C SER A 190 4.55 0.15 -17.10
N ILE A 191 3.71 0.73 -17.95
CA ILE A 191 2.37 1.14 -17.57
C ILE A 191 1.53 -0.08 -17.36
N LEU A 192 1.55 -0.94 -18.36
CA LEU A 192 0.78 -2.16 -18.31
C LEU A 192 1.12 -2.98 -17.08
N GLY A 193 2.41 -3.02 -16.78
CA GLY A 193 2.88 -3.78 -15.65
C GLY A 193 2.29 -3.36 -14.34
N VAL A 194 1.91 -2.09 -14.18
CA VAL A 194 1.30 -1.64 -12.93
C VAL A 194 0.01 -2.41 -12.55
N VAL A 195 -0.80 -2.78 -13.50
CA VAL A 195 -1.98 -3.58 -13.23
C VAL A 195 -1.79 -5.09 -13.46
N LEU A 196 -0.88 -5.49 -14.33
CA LEU A 196 -0.75 -6.89 -14.65
C LEU A 196 -0.10 -7.68 -13.53
N SER A 197 0.18 -7.01 -12.43
CA SER A 197 1.02 -7.58 -11.39
C SER A 197 0.25 -7.88 -10.12
N LEU A 198 -0.94 -7.29 -9.96
CA LEU A 198 -1.92 -7.86 -9.09
C LEU A 198 -2.31 -9.12 -9.81
N ASP A 199 -1.75 -10.18 -9.32
CA ASP A 199 -1.71 -11.44 -10.08
C ASP A 199 -1.84 -12.75 -9.33
N GLU A 200 -1.24 -12.85 -8.16
CA GLU A 200 -1.51 -13.97 -7.27
C GLU A 200 -2.01 -13.54 -5.91
N VAL A 201 -2.58 -14.50 -5.19
CA VAL A 201 -3.01 -14.26 -3.80
C VAL A 201 -2.51 -15.37 -2.88
N PHE A 202 -2.45 -15.13 -1.57
CA PHE A 202 -2.25 -16.21 -0.59
C PHE A 202 -3.49 -17.13 -0.55
N SER A 203 -3.35 -18.43 -0.81
CA SER A 203 -4.47 -19.36 -0.59
C SER A 203 -5.03 -19.39 0.83
N ASN A 204 -4.22 -19.19 1.87
CA ASN A 204 -4.84 -19.13 3.21
C ASN A 204 -4.66 -17.76 3.89
N GLY A 205 -4.52 -16.72 3.10
CA GLY A 205 -4.50 -15.38 3.66
C GLY A 205 -3.10 -14.99 4.04
N SER A 206 -2.92 -13.71 4.30
CA SER A 206 -1.62 -13.18 4.55
C SER A 206 -1.25 -13.64 5.92
N ALA A 207 -2.22 -13.80 6.80
CA ALA A 207 -1.94 -14.33 8.16
C ALA A 207 -1.05 -15.60 8.15
N ASP A 208 -1.20 -16.46 7.13
CA ASP A 208 -0.29 -17.60 6.91
C ASP A 208 1.19 -17.22 7.07
N LEU A 209 1.67 -16.33 6.21
CA LEU A 209 3.03 -15.89 6.24
C LEU A 209 3.32 -15.08 7.48
N VAL A 210 2.32 -14.49 8.09
CA VAL A 210 2.55 -13.66 9.25
C VAL A 210 2.97 -14.59 10.36
N ASP A 211 2.26 -15.69 10.49
CA ASP A 211 2.58 -16.71 11.49
C ASP A 211 3.93 -17.35 11.27
N ALA A 212 4.23 -17.77 10.06
CA ALA A 212 5.54 -18.30 9.78
C ALA A 212 6.65 -17.36 10.28
N MET A 213 6.52 -16.07 10.03
CA MET A 213 7.61 -15.20 10.34
C MET A 213 7.74 -15.00 11.83
N SER A 214 6.63 -15.01 12.54
CA SER A 214 6.66 -14.74 13.96
C SER A 214 7.10 -15.97 14.79
N GLN A 215 6.90 -17.15 14.22
CA GLN A 215 7.27 -18.42 14.85
C GLN A 215 8.78 -18.44 15.07
N GLU A 216 9.43 -17.37 14.63
CA GLU A 216 10.87 -17.27 14.63
C GLU A 216 11.35 -16.00 15.27
N ILE A 217 10.47 -15.24 15.92
CA ILE A 217 10.91 -14.09 16.71
C ILE A 217 10.67 -14.47 18.18
N PRO A 218 11.70 -14.31 19.04
CA PRO A 218 11.47 -14.89 20.36
C PRO A 218 10.81 -13.93 21.33
N GLU A 219 11.07 -12.63 21.22
CA GLU A 219 10.45 -11.67 22.15
C GLU A 219 9.61 -10.58 21.48
N ILE A 220 8.28 -10.69 21.68
CA ILE A 220 7.26 -9.83 21.07
C ILE A 220 6.28 -9.28 22.12
N ARG A 221 6.08 -7.97 22.17
CA ARG A 221 5.05 -7.40 23.03
C ARG A 221 3.93 -6.67 22.24
N LEU A 222 2.74 -7.27 22.20
CA LEU A 222 1.56 -6.67 21.63
C LEU A 222 0.97 -5.62 22.60
N GLN A 223 -0.02 -4.85 22.12
CA GLN A 223 -0.69 -3.75 22.82
C GLN A 223 0.27 -2.76 23.39
N THR A 224 1.47 -2.75 22.82
CA THR A 224 2.52 -1.90 23.28
C THR A 224 2.76 -0.77 22.29
N VAL A 225 2.10 0.36 22.53
CA VAL A 225 2.17 1.49 21.63
C VAL A 225 3.35 2.34 22.05
N VAL A 226 4.28 2.59 21.16
CA VAL A 226 5.40 3.50 21.43
C VAL A 226 5.03 5.00 21.27
N THR A 227 5.53 5.84 22.16
CA THR A 227 5.17 7.25 22.17
C THR A 227 6.40 8.15 22.18
N GLY A 228 7.55 7.59 22.55
CA GLY A 228 8.78 8.36 22.52
C GLY A 228 9.99 7.52 22.18
N ILE A 229 10.95 8.15 21.51
CA ILE A 229 12.26 7.55 21.27
C ILE A 229 13.32 8.62 21.45
N ASP A 230 14.30 8.26 22.29
CA ASP A 230 15.30 9.18 22.80
C ASP A 230 16.67 8.53 22.69
N GLN A 231 17.57 9.27 22.08
CA GLN A 231 18.88 8.75 21.77
C GLN A 231 19.94 9.83 22.12
N SER A 232 19.53 10.76 22.98
CA SER A 232 20.43 11.75 23.58
C SER A 232 21.61 11.12 24.38
N GLY A 233 21.34 9.98 25.03
CA GLY A 233 22.37 9.19 25.74
C GLY A 233 23.23 8.28 24.89
N ASP A 234 23.95 7.39 25.56
CA ASP A 234 24.81 6.39 24.93
C ASP A 234 23.99 5.22 24.35
N VAL A 235 22.76 5.07 24.83
CA VAL A 235 21.89 3.93 24.49
C VAL A 235 20.46 4.43 24.29
N VAL A 236 19.83 4.03 23.20
CA VAL A 236 18.49 4.51 22.81
C VAL A 236 17.40 4.05 23.80
N ASN A 237 16.64 5.04 24.27
CA ASN A 237 15.55 4.80 25.18
C ASN A 237 14.16 4.96 24.51
N VAL A 238 13.38 3.89 24.59
CA VAL A 238 12.11 3.80 23.92
C VAL A 238 10.99 3.67 24.92
N THR A 239 10.16 4.69 24.98
CA THR A 239 9.17 4.81 26.03
C THR A 239 7.76 4.55 25.49
N VAL A 240 6.88 4.09 26.36
CA VAL A 240 5.68 3.42 25.94
C VAL A 240 4.49 4.07 26.62
N LYS A 241 3.31 3.89 26.04
N LYS A 241 3.31 3.85 26.05
CA LYS A 241 2.08 4.45 26.59
CA LYS A 241 2.10 4.56 26.44
C LYS A 241 1.90 4.10 28.06
C LYS A 241 1.89 4.63 27.93
N ASP A 242 1.32 2.93 28.31
N ASP A 242 2.05 3.51 28.62
CA ASP A 242 1.06 2.48 29.68
CA ASP A 242 2.09 3.56 30.08
C ASP A 242 2.08 1.43 30.09
C ASP A 242 3.51 3.69 30.59
N GLY A 243 3.26 1.86 30.48
N GLY A 243 4.30 4.52 29.91
CA GLY A 243 4.33 0.93 30.75
CA GLY A 243 5.38 5.25 30.57
C GLY A 243 5.68 1.59 30.72
C GLY A 243 6.59 4.38 30.83
N HIS A 244 6.72 0.79 30.88
N HIS A 244 6.38 3.07 30.78
CA HIS A 244 8.00 1.35 31.22
CA HIS A 244 7.47 2.12 30.90
C HIS A 244 8.75 1.77 29.98
C HIS A 244 8.42 2.31 29.76
N ALA A 245 10.03 2.05 30.13
N ALA A 245 9.54 1.62 29.77
CA ALA A 245 10.91 2.25 29.00
CA ALA A 245 10.71 2.06 29.03
C ALA A 245 11.66 0.98 28.69
C ALA A 245 11.64 0.93 28.70
N PHE A 246 11.91 0.78 27.41
CA PHE A 246 12.91 -0.19 26.97
C PHE A 246 14.12 0.50 26.34
N GLN A 247 15.27 -0.15 26.34
CA GLN A 247 16.53 0.47 25.91
C GLN A 247 17.30 -0.42 24.92
N ALA A 248 18.04 0.17 23.98
CA ALA A 248 18.72 -0.59 22.91
C ALA A 248 19.84 0.17 22.19
N HIS A 249 20.79 -0.51 21.54
CA HIS A 249 21.83 0.24 20.85
C HIS A 249 21.23 0.85 19.60
N SER A 250 20.17 0.21 19.11
CA SER A 250 19.64 0.49 17.79
C SER A 250 18.13 0.37 17.78
N VAL A 251 17.46 1.31 17.13
CA VAL A 251 15.99 1.23 16.96
C VAL A 251 15.53 1.30 15.50
N ILE A 252 14.71 0.33 15.12
CA ILE A 252 14.04 0.33 13.82
C ILE A 252 12.58 0.74 13.92
N VAL A 253 12.27 1.91 13.37
CA VAL A 253 10.88 2.33 13.15
C VAL A 253 10.25 1.69 11.86
N ALA A 254 9.46 0.64 12.07
CA ALA A 254 8.74 -0.09 11.02
C ALA A 254 7.23 0.16 11.16
N THR A 255 6.86 1.42 11.47
CA THR A 255 5.46 1.81 11.60
C THR A 255 5.16 2.79 10.48
N PRO A 256 3.89 3.01 10.18
CA PRO A 256 3.49 3.77 9.01
C PRO A 256 3.89 5.24 9.05
N MET A 257 4.30 5.76 7.92
CA MET A 257 4.89 7.09 7.84
C MET A 257 3.97 8.10 8.50
N ASN A 258 2.68 7.81 8.46
CA ASN A 258 1.69 8.79 8.79
C ASN A 258 1.38 8.73 10.27
N THR A 259 2.25 8.02 10.99
CA THR A 259 2.09 7.83 12.42
C THR A 259 3.24 8.47 13.14
N TRP A 260 4.28 8.78 12.39
CA TRP A 260 5.54 9.20 13.01
C TRP A 260 5.41 10.55 13.72
N ARG A 261 4.37 11.30 13.37
CA ARG A 261 4.17 12.59 13.97
C ARG A 261 3.65 12.47 15.42
N ARG A 262 3.08 11.32 15.79
CA ARG A 262 2.64 11.03 17.15
C ARG A 262 3.72 10.42 18.05
N ILE A 263 4.98 10.46 17.62
CA ILE A 263 6.04 9.95 18.45
C ILE A 263 6.99 11.08 18.76
N VAL A 264 7.51 11.07 19.99
CA VAL A 264 8.49 12.06 20.40
C VAL A 264 9.94 11.54 20.31
N PHE A 265 10.68 12.21 19.43
CA PHE A 265 12.03 11.87 19.03
C PHE A 265 12.97 12.85 19.69
N THR A 266 14.02 12.32 20.32
CA THR A 266 15.04 13.20 20.90
C THR A 266 16.39 12.74 20.46
N PRO A 267 17.12 13.63 19.77
CA PRO A 267 16.64 14.96 19.35
C PRO A 267 15.52 14.89 18.29
N ALA A 268 14.93 16.04 17.94
CA ALA A 268 13.93 16.14 16.87
C ALA A 268 14.55 15.64 15.56
N LEU A 269 13.72 15.15 14.64
CA LEU A 269 14.26 14.68 13.34
C LEU A 269 14.86 15.86 12.56
N PRO A 270 15.76 15.57 11.57
CA PRO A 270 16.33 16.64 10.71
C PRO A 270 15.26 17.56 10.12
N GLU A 271 15.50 18.85 10.21
CA GLU A 271 14.60 19.90 9.71
C GLU A 271 13.83 19.54 8.40
N ARG A 272 14.56 19.08 7.37
CA ARG A 272 13.98 18.71 6.04
C ARG A 272 12.75 17.79 6.10
N ARG A 273 12.78 16.78 6.96
CA ARG A 273 11.67 15.82 7.12
C ARG A 273 10.42 16.31 7.84
N ARG A 274 10.55 17.34 8.67
CA ARG A 274 9.54 17.57 9.68
C ARG A 274 8.19 17.98 9.12
N SER A 275 8.22 18.89 8.16
CA SER A 275 7.02 19.45 7.54
C SER A 275 6.11 18.35 6.93
N VAL A 276 6.72 17.46 6.15
CA VAL A 276 6.02 16.42 5.46
C VAL A 276 5.56 15.43 6.52
N ILE A 277 6.43 15.13 7.51
CA ILE A 277 6.06 14.18 8.55
C ILE A 277 4.86 14.68 9.33
N GLU A 278 4.79 15.98 9.48
CA GLU A 278 3.66 16.61 10.08
C GLU A 278 2.39 16.46 9.28
N GLU A 279 2.41 16.91 8.01
CA GLU A 279 1.21 16.83 7.17
CA GLU A 279 1.20 16.84 7.18
C GLU A 279 0.78 15.40 6.85
N GLY A 280 1.74 14.48 6.77
CA GLY A 280 1.48 13.13 6.31
C GLY A 280 1.32 13.09 4.78
N HIS A 281 1.27 11.87 4.22
CA HIS A 281 1.07 11.69 2.79
C HIS A 281 -0.42 11.77 2.43
N GLY A 282 -0.76 12.06 1.18
CA GLY A 282 -2.16 12.15 0.76
C GLY A 282 -2.98 10.90 0.44
N GLY A 283 -2.43 9.71 0.64
CA GLY A 283 -3.12 8.46 0.29
C GLY A 283 -4.46 8.30 1.00
N GLN A 284 -5.53 8.10 0.24
CA GLN A 284 -6.88 8.00 0.80
C GLN A 284 -7.56 6.78 0.28
N GLY A 285 -6.77 5.87 -0.25
CA GLY A 285 -7.27 4.64 -0.82
C GLY A 285 -8.28 4.04 0.13
N LEU A 286 -9.31 3.43 -0.45
CA LEU A 286 -10.35 2.81 0.28
C LEU A 286 -10.76 1.60 -0.52
N LYS A 287 -10.75 0.44 0.13
CA LYS A 287 -11.04 -0.85 -0.46
C LYS A 287 -12.29 -1.48 0.20
N ILE A 288 -13.38 -1.61 -0.53
CA ILE A 288 -14.57 -2.18 0.06
C ILE A 288 -14.91 -3.51 -0.56
N LEU A 289 -15.20 -4.50 0.30
CA LEU A 289 -15.69 -5.82 -0.16
C LEU A 289 -17.22 -5.78 -0.15
N ILE A 290 -17.88 -6.21 -1.23
CA ILE A 290 -19.30 -6.06 -1.31
C ILE A 290 -19.90 -7.45 -1.48
N HIS A 291 -20.81 -7.80 -0.58
CA HIS A 291 -21.54 -9.04 -0.70
C HIS A 291 -22.75 -8.81 -1.58
N VAL A 292 -22.85 -9.54 -2.68
CA VAL A 292 -23.89 -9.30 -3.66
C VAL A 292 -24.62 -10.57 -4.02
N ARG A 293 -25.84 -10.41 -4.50
CA ARG A 293 -26.59 -11.51 -5.08
C ARG A 293 -26.93 -11.17 -6.53
N GLY A 294 -26.91 -12.15 -7.41
CA GLY A 294 -27.13 -11.87 -8.83
C GLY A 294 -25.95 -11.69 -9.78
N ALA A 295 -24.73 -11.53 -9.26
CA ALA A 295 -23.57 -11.31 -10.11
C ALA A 295 -23.07 -12.64 -10.69
N GLU A 296 -22.76 -12.61 -11.98
CA GLU A 296 -22.12 -13.75 -12.63
C GLU A 296 -20.64 -13.74 -12.25
N ALA A 297 -19.93 -14.80 -12.58
CA ALA A 297 -18.55 -14.94 -12.14
C ALA A 297 -17.69 -14.22 -13.13
N GLY A 298 -16.65 -13.56 -12.62
CA GLY A 298 -15.53 -13.13 -13.43
C GLY A 298 -15.78 -11.74 -13.94
N ILE A 299 -16.57 -10.98 -13.19
CA ILE A 299 -16.92 -9.66 -13.64
C ILE A 299 -15.77 -8.72 -13.43
N GLU A 300 -15.53 -7.83 -14.38
CA GLU A 300 -14.64 -6.71 -14.22
C GLU A 300 -15.27 -5.38 -14.73
N CYS A 301 -15.26 -4.32 -13.94
CA CYS A 301 -15.78 -3.08 -14.45
C CYS A 301 -14.83 -1.95 -14.24
N VAL A 302 -14.53 -1.24 -15.33
CA VAL A 302 -13.76 -0.02 -15.20
C VAL A 302 -14.57 1.10 -15.74
N GLY A 303 -14.52 2.30 -15.19
CA GLY A 303 -15.35 3.32 -15.76
C GLY A 303 -15.26 4.58 -15.00
N ASP A 304 -16.23 5.47 -15.23
CA ASP A 304 -16.14 6.81 -14.73
C ASP A 304 -17.05 6.94 -13.51
N GLY A 305 -17.37 5.80 -12.88
CA GLY A 305 -18.23 5.77 -11.70
C GLY A 305 -17.46 6.20 -10.47
N ILE A 306 -18.10 6.37 -9.33
CA ILE A 306 -17.41 6.81 -8.13
C ILE A 306 -16.50 5.73 -7.55
N PHE A 307 -16.87 4.53 -7.92
CA PHE A 307 -15.99 3.38 -8.03
C PHE A 307 -15.36 3.36 -9.40
N PRO A 308 -14.06 3.54 -9.45
CA PRO A 308 -13.32 3.42 -10.69
C PRO A 308 -13.28 1.99 -11.16
N THR A 309 -13.01 1.09 -10.23
CA THR A 309 -12.96 -0.32 -10.54
C THR A 309 -13.87 -1.10 -9.63
N LEU A 310 -14.50 -2.11 -10.18
CA LEU A 310 -15.35 -2.97 -9.41
C LEU A 310 -15.22 -4.33 -9.99
N TYR A 311 -14.68 -5.29 -9.29
CA TYR A 311 -14.54 -6.60 -9.92
C TYR A 311 -14.65 -7.78 -8.95
N ASP A 312 -14.76 -8.96 -9.53
CA ASP A 312 -14.90 -10.21 -8.84
C ASP A 312 -13.84 -10.42 -7.82
N TYR A 313 -14.28 -10.80 -6.63
CA TYR A 313 -13.35 -11.09 -5.55
C TYR A 313 -13.34 -12.57 -5.18
N CYS A 314 -14.51 -13.12 -4.84
CA CYS A 314 -14.65 -14.51 -4.38
C CYS A 314 -16.06 -15.08 -4.68
N GLU A 315 -16.15 -16.39 -4.82
CA GLU A 315 -17.42 -17.07 -4.82
C GLU A 315 -17.86 -17.41 -3.43
N VAL A 316 -19.16 -17.30 -3.19
CA VAL A 316 -19.72 -17.58 -1.89
C VAL A 316 -20.66 -18.76 -2.00
N SER A 317 -21.61 -18.67 -2.87
CA SER A 317 -22.48 -19.71 -3.24
C SER A 317 -22.88 -19.37 -4.65
N GLU A 318 -23.69 -20.13 -5.30
CA GLU A 318 -24.02 -20.01 -6.68
C GLU A 318 -24.99 -18.90 -7.03
N SER A 319 -25.57 -18.29 -6.01
CA SER A 319 -26.28 -17.05 -6.18
C SER A 319 -25.50 -15.84 -5.69
N GLU A 320 -24.46 -16.09 -4.92
CA GLU A 320 -23.77 -15.04 -4.17
C GLU A 320 -22.26 -14.98 -4.34
N ARG A 321 -21.71 -13.78 -4.13
CA ARG A 321 -20.30 -13.52 -4.38
C ARG A 321 -19.89 -12.36 -3.55
N LEU A 322 -18.57 -12.21 -3.41
CA LEU A 322 -18.01 -10.97 -2.97
C LEU A 322 -17.40 -10.32 -4.17
N LEU A 323 -17.53 -9.00 -4.24
CA LEU A 323 -16.83 -8.18 -5.21
C LEU A 323 -15.95 -7.23 -4.44
N VAL A 324 -15.04 -6.60 -5.15
CA VAL A 324 -14.22 -5.58 -4.55
C VAL A 324 -14.28 -4.28 -5.34
N ALA A 325 -14.61 -3.21 -4.65
CA ALA A 325 -14.43 -1.88 -5.15
C ALA A 325 -13.18 -1.30 -4.58
N PHE A 326 -12.51 -0.48 -5.36
CA PHE A 326 -11.64 0.54 -4.83
C PHE A 326 -12.10 1.93 -5.17
N THR A 327 -11.82 2.77 -4.24
CA THR A 327 -12.04 4.20 -4.45
C THR A 327 -11.46 4.81 -3.24
N ASP A 328 -11.57 6.08 -3.08
CA ASP A 328 -11.00 6.89 -2.07
C ASP A 328 -11.89 7.57 -1.07
N SER A 329 -11.38 7.80 0.14
CA SER A 329 -12.21 7.99 1.31
C SER A 329 -12.56 9.46 1.48
N GLY A 330 -11.79 10.31 0.82
CA GLY A 330 -12.18 11.71 0.63
C GLY A 330 -13.41 11.84 -0.25
N SER A 331 -13.61 10.94 -1.20
CA SER A 331 -14.63 11.18 -2.21
C SER A 331 -15.83 10.33 -1.90
N PHE A 332 -15.67 9.39 -0.99
CA PHE A 332 -16.71 8.44 -0.74
C PHE A 332 -16.90 8.17 0.75
N ASP A 333 -18.15 8.00 1.15
CA ASP A 333 -18.46 7.62 2.50
C ASP A 333 -19.01 6.23 2.49
N PRO A 334 -18.23 5.28 2.98
CA PRO A 334 -18.68 3.88 2.98
C PRO A 334 -19.80 3.55 4.01
N THR A 335 -20.31 4.58 4.68
CA THR A 335 -21.23 4.32 5.77
C THR A 335 -22.58 4.77 5.30
N ASP A 336 -22.61 5.36 4.10
CA ASP A 336 -23.82 5.64 3.38
C ASP A 336 -24.09 4.44 2.47
N ILE A 337 -24.74 3.40 2.97
CA ILE A 337 -24.98 2.23 2.12
C ILE A 337 -25.84 2.56 0.88
N GLY A 338 -26.60 3.65 0.96
CA GLY A 338 -27.42 4.06 -0.17
C GLY A 338 -26.50 4.31 -1.34
N ALA A 339 -25.48 5.13 -1.07
CA ALA A 339 -24.37 5.41 -1.99
C ALA A 339 -23.68 4.14 -2.55
N VAL A 340 -23.37 3.18 -1.68
CA VAL A 340 -22.82 1.94 -2.18
C VAL A 340 -23.75 1.27 -3.20
N LYS A 341 -25.06 1.22 -2.91
CA LYS A 341 -25.97 0.55 -3.85
C LYS A 341 -25.94 1.32 -5.19
N ASP A 342 -26.03 2.63 -5.11
CA ASP A 342 -25.89 3.45 -6.29
C ASP A 342 -24.62 3.17 -7.12
N ALA A 343 -23.45 3.21 -6.47
CA ALA A 343 -22.16 3.03 -7.12
C ALA A 343 -22.10 1.69 -7.85
N VAL A 344 -22.52 0.62 -7.19
CA VAL A 344 -22.53 -0.71 -7.77
C VAL A 344 -23.53 -0.73 -8.88
N LEU A 345 -24.74 -0.27 -8.62
CA LEU A 345 -25.80 -0.45 -9.61
C LEU A 345 -25.49 0.23 -10.92
N TYR A 346 -24.77 1.33 -10.81
CA TYR A 346 -24.21 2.03 -11.93
C TYR A 346 -23.52 1.11 -12.93
N TYR A 347 -22.76 0.12 -12.49
CA TYR A 347 -22.10 -0.80 -13.43
C TYR A 347 -22.92 -2.06 -13.70
N LEU A 348 -23.67 -2.49 -12.68
CA LEU A 348 -24.36 -3.78 -12.66
C LEU A 348 -25.75 -3.58 -12.12
N PRO A 349 -26.65 -3.03 -12.95
CA PRO A 349 -28.01 -2.73 -12.49
C PRO A 349 -28.89 -3.96 -12.12
N GLU A 350 -28.39 -5.16 -12.30
CA GLU A 350 -29.22 -6.31 -12.08
C GLU A 350 -28.86 -7.00 -10.76
N VAL A 351 -27.88 -6.45 -10.07
CA VAL A 351 -27.29 -7.06 -8.91
C VAL A 351 -27.83 -6.45 -7.63
N GLU A 352 -28.03 -7.29 -6.59
CA GLU A 352 -28.44 -6.89 -5.21
C GLU A 352 -27.30 -6.87 -4.20
N VAL A 353 -27.15 -5.75 -3.49
CA VAL A 353 -26.11 -5.64 -2.49
C VAL A 353 -26.64 -6.19 -1.20
N LEU A 354 -25.98 -7.24 -0.69
CA LEU A 354 -26.33 -7.84 0.60
C LEU A 354 -25.65 -7.18 1.79
N GLY A 355 -24.45 -6.61 1.60
CA GLY A 355 -23.66 -6.10 2.74
C GLY A 355 -22.26 -5.74 2.30
N ILE A 356 -21.59 -4.92 3.07
CA ILE A 356 -20.26 -4.50 2.75
C ILE A 356 -19.34 -4.79 3.94
N ASP A 357 -18.04 -4.91 3.70
CA ASP A 357 -17.00 -5.17 4.68
C ASP A 357 -15.72 -4.42 4.24
N TYR A 358 -15.09 -3.71 5.19
CA TYR A 358 -13.82 -3.01 4.97
C TYR A 358 -13.27 -2.52 6.27
N HIS A 359 -12.03 -2.08 6.29
CA HIS A 359 -11.48 -1.47 7.44
C HIS A 359 -11.12 -0.04 7.15
N ASP A 360 -11.29 0.84 8.11
CA ASP A 360 -11.07 2.24 7.84
C ASP A 360 -9.64 2.75 8.20
N TRP A 361 -8.65 2.17 7.53
CA TRP A 361 -7.24 2.52 7.69
C TRP A 361 -6.99 3.99 8.06
N ILE A 362 -7.64 4.92 7.38
CA ILE A 362 -7.27 6.33 7.54
C ILE A 362 -7.54 6.82 8.99
N ALA A 363 -8.51 6.15 9.64
CA ALA A 363 -9.03 6.53 10.92
C ALA A 363 -8.42 5.68 12.05
N ASP A 364 -7.65 4.66 11.68
CA ASP A 364 -7.03 3.83 12.68
C ASP A 364 -5.73 4.43 13.19
N PRO A 365 -5.73 4.85 14.45
CA PRO A 365 -4.61 5.63 14.98
C PRO A 365 -3.31 4.89 14.80
N LEU A 366 -3.40 3.59 14.58
CA LEU A 366 -2.22 2.75 14.45
C LEU A 366 -1.70 2.85 13.04
N PHE A 367 -2.46 3.52 12.18
CA PHE A 367 -2.16 3.55 10.76
C PHE A 367 -2.27 4.93 10.16
N GLU A 368 -3.47 5.50 10.16
CA GLU A 368 -3.65 6.89 9.78
C GLU A 368 -3.44 7.16 8.29
N GLY A 369 -3.90 6.24 7.47
CA GLY A 369 -3.49 6.10 6.10
C GLY A 369 -3.56 4.65 5.66
N PRO A 370 -3.88 4.47 4.38
CA PRO A 370 -3.95 3.14 3.81
C PRO A 370 -2.69 2.65 3.17
N TRP A 371 -2.37 2.90 1.95
CA TRP A 371 -1.11 2.90 1.31
C TRP A 371 -0.59 4.30 1.09
N VAL A 372 0.73 4.48 0.91
CA VAL A 372 1.29 5.81 0.75
C VAL A 372 1.00 6.37 -0.63
N ALA A 373 0.77 7.67 -0.71
CA ALA A 373 0.77 8.41 -1.97
C ALA A 373 0.98 9.85 -1.62
N PRO A 374 2.02 10.48 -2.17
CA PRO A 374 2.36 11.81 -1.72
C PRO A 374 1.25 12.73 -2.11
N ARG A 375 1.12 13.84 -1.39
CA ARG A 375 0.41 14.98 -1.96
C ARG A 375 1.25 15.64 -3.03
N VAL A 376 0.61 16.45 -3.87
CA VAL A 376 1.31 17.16 -4.93
C VAL A 376 2.39 18.03 -4.28
N GLY A 377 3.59 18.08 -4.85
CA GLY A 377 4.66 18.85 -4.26
C GLY A 377 5.52 18.13 -3.23
N GLN A 378 4.95 17.19 -2.47
CA GLN A 378 5.65 16.67 -1.30
C GLN A 378 6.96 15.98 -1.62
N PHE A 379 6.94 15.02 -2.55
CA PHE A 379 8.07 14.07 -2.71
C PHE A 379 9.20 14.57 -3.57
N SER A 380 8.99 15.73 -4.18
CA SER A 380 10.11 16.39 -4.86
C SER A 380 10.81 17.40 -3.92
N ARG A 381 10.18 17.70 -2.78
CA ARG A 381 10.87 18.39 -1.70
C ARG A 381 11.70 17.39 -0.91
N VAL A 382 11.08 16.36 -0.34
CA VAL A 382 11.81 15.30 0.34
C VAL A 382 11.18 13.93 0.18
N HIS A 383 12.00 12.92 -0.08
CA HIS A 383 11.51 11.59 -0.39
C HIS A 383 12.49 10.54 0.07
N LYS A 384 13.69 10.55 -0.48
CA LYS A 384 14.68 9.58 -0.07
C LYS A 384 15.11 9.82 1.36
N GLU A 385 15.28 11.09 1.71
CA GLU A 385 15.61 11.49 3.10
C GLU A 385 14.69 10.82 4.15
N LEU A 386 13.37 10.81 3.89
CA LEU A 386 12.40 10.16 4.81
C LEU A 386 12.75 8.75 5.30
N GLY A 387 13.38 7.93 4.48
CA GLY A 387 13.61 6.57 4.87
C GLY A 387 15.07 6.34 5.18
N GLU A 388 15.79 7.44 5.37
CA GLU A 388 17.20 7.44 5.76
C GLU A 388 17.38 7.42 7.28
N PRO A 389 18.49 6.81 7.80
CA PRO A 389 18.68 6.82 9.27
C PRO A 389 18.86 8.22 9.82
N ALA A 390 18.36 8.43 11.05
CA ALA A 390 18.70 9.61 11.85
C ALA A 390 19.36 9.11 13.12
N GLY A 391 20.68 9.18 13.13
CA GLY A 391 21.47 8.51 14.17
C GLY A 391 21.31 6.98 14.21
N ARG A 392 20.83 6.51 15.35
CA ARG A 392 20.81 5.10 15.66
C ARG A 392 19.38 4.61 15.46
N ILE A 393 18.53 5.52 14.99
CA ILE A 393 17.14 5.22 14.63
C ILE A 393 17.01 4.97 13.12
N HIS A 394 16.39 3.86 12.76
CA HIS A 394 16.19 3.50 11.36
C HIS A 394 14.73 3.48 10.99
N PHE A 395 14.41 3.94 9.78
CA PHE A 395 13.04 3.97 9.23
C PHE A 395 12.89 3.02 8.06
N VAL A 396 11.98 2.08 8.19
CA VAL A 396 11.67 1.13 7.14
C VAL A 396 10.16 1.07 6.91
N GLY A 397 9.72 0.09 6.10
CA GLY A 397 8.34 0.00 5.65
C GLY A 397 8.05 0.42 4.21
N SER A 398 7.02 -0.21 3.64
CA SER A 398 6.60 0.10 2.27
C SER A 398 6.48 1.58 1.98
N ASP A 399 6.06 2.36 2.99
CA ASP A 399 5.81 3.78 2.76
C ASP A 399 7.05 4.50 2.26
N VAL A 400 8.22 3.93 2.56
CA VAL A 400 9.49 4.60 2.28
C VAL A 400 10.34 3.87 1.28
N SER A 401 9.93 2.69 0.82
CA SER A 401 10.70 2.02 -0.20
C SER A 401 10.81 2.81 -1.48
N LEU A 402 12.01 2.89 -2.03
CA LEU A 402 12.29 3.56 -3.30
C LEU A 402 12.09 2.64 -4.50
N GLU A 403 12.36 1.37 -4.29
CA GLU A 403 12.31 0.38 -5.36
C GLU A 403 10.89 -0.10 -5.61
N PHE A 404 10.18 -0.48 -4.55
CA PHE A 404 8.78 -0.83 -4.68
C PHE A 404 7.94 -0.11 -3.67
N PRO A 405 7.73 1.17 -3.87
CA PRO A 405 6.97 1.98 -2.93
C PRO A 405 5.53 1.53 -2.90
N GLY A 406 5.04 1.15 -1.73
CA GLY A 406 3.65 0.83 -1.59
C GLY A 406 3.36 -0.64 -1.39
N TYR A 407 4.27 -1.54 -1.80
CA TYR A 407 3.95 -2.98 -1.81
C TYR A 407 4.56 -3.77 -0.68
N ILE A 408 3.92 -4.84 -0.26
CA ILE A 408 4.57 -5.78 0.62
C ILE A 408 6.01 -5.92 0.21
N GLU A 409 6.29 -6.09 -1.06
CA GLU A 409 7.68 -6.25 -1.45
C GLU A 409 8.58 -5.16 -0.87
N GLY A 410 8.13 -3.92 -0.89
CA GLY A 410 9.01 -2.82 -0.48
C GLY A 410 9.18 -2.75 1.02
N ALA A 411 8.26 -3.37 1.74
CA ALA A 411 8.38 -3.50 3.18
C ALA A 411 9.53 -4.47 3.42
N LEU A 412 9.53 -5.62 2.74
CA LEU A 412 10.64 -6.58 2.79
C LEU A 412 11.97 -5.98 2.37
N GLU A 413 11.93 -5.02 1.47
CA GLU A 413 13.15 -4.54 0.89
C GLU A 413 13.81 -3.48 1.76
N THR A 414 13.03 -2.60 2.34
CA THR A 414 13.60 -1.57 3.19
C THR A 414 14.20 -2.19 4.48
N ALA A 415 13.62 -3.31 4.92
CA ALA A 415 14.10 -4.07 6.09
C ALA A 415 15.48 -4.69 5.84
N GLU A 416 15.60 -5.62 4.90
CA GLU A 416 16.92 -6.02 4.48
C GLU A 416 17.96 -4.89 4.59
N CYS A 417 17.65 -3.69 4.13
CA CYS A 417 18.63 -2.60 4.18
C CYS A 417 19.04 -2.15 5.55
N ALA A 418 18.06 -1.99 6.44
CA ALA A 418 18.29 -1.66 7.83
C ALA A 418 19.08 -2.78 8.49
N VAL A 419 18.58 -4.01 8.40
CA VAL A 419 19.32 -5.15 8.92
C VAL A 419 20.80 -5.00 8.51
N ASN A 420 21.08 -4.66 7.26
CA ASN A 420 22.47 -4.47 6.81
C ASN A 420 23.20 -3.35 7.48
N ALA A 421 22.57 -2.18 7.52
CA ALA A 421 23.12 -1.01 8.18
C ALA A 421 23.52 -1.33 9.63
N ILE A 422 22.66 -2.07 10.34
CA ILE A 422 22.97 -2.47 11.72
C ILE A 422 24.15 -3.45 11.77
N LEU A 423 24.01 -4.57 11.07
CA LEU A 423 25.06 -5.59 10.98
C LEU A 423 26.40 -5.00 10.60
N HIS A 424 26.47 -4.06 9.65
CA HIS A 424 27.72 -3.38 9.30
C HIS A 424 27.94 -2.14 10.14
N SER A 425 28.55 -2.30 11.31
CA SER A 425 28.86 -1.15 12.14
C SER A 425 29.06 -1.56 13.60
#